data_2HOS
#
_entry.id   2HOS
#
_cell.length_a   127.097
_cell.length_b   45.025
_cell.length_c   73.081
_cell.angle_alpha   90.00
_cell.angle_beta   118.41
_cell.angle_gamma   90.00
#
_symmetry.space_group_name_H-M   'C 1 2 1'
#
loop_
_entity.id
_entity.type
_entity.pdbx_description
1 polymer "5'-D(*TP*TP*TP*TP*GP*CP*CP*AP*TP*GP*TP*AP*AP*TP*CP*CP*CP*CP*GP*GP*A)-3'"
2 polymer "5'-D(*AP*TP*CP*CP*GP*GP*GP*GP*AP*TP*TP*AP*CP*AP*TP*GP*GP*CP*AP*AP*A)-3'"
3 polymer 'Segmentation polarity homeobox protein engrailed'
4 non-polymer GLYCEROL
5 non-polymer 3-METHYL-1,3-OXAZOLIDIN-2-ONE
6 water water
#
loop_
_entity_poly.entity_id
_entity_poly.type
_entity_poly.pdbx_seq_one_letter_code
_entity_poly.pdbx_strand_id
1 'polydeoxyribonucleotide'
;(DT)(DT)(DT)(DT)(DG)(DC)(DC)(DA)(DT)(DG)(DT)(DA)(DA)(DT)(DC)(DC)(DC)(DC)(DG)(DG)
(DA)
;
C
2 'polydeoxyribonucleotide'
;(DA)(DT)(DC)(DC)(DG)(DG)(DG)(DG)(DA)(DT)(DT)(DA)(DC)(DA)(DT)(DG)(DG)(DC)(DA)(DA)
(DA)
;
D
3 'polypeptide(L)' GSDEKRPRTAFSSEQLARLKREFNENRYLTERRRQQLSSELGLNEAQVKGWFKNMRAKIKKST A,B
#
# COMPACT_ATOMS: atom_id res chain seq x y z
N ARG C 8 16.28 13.96 4.69
CA ARG C 8 15.00 14.74 4.74
C ARG C 8 15.16 16.06 3.97
N THR C 9 14.26 16.29 3.03
CA THR C 9 14.27 17.53 2.25
C THR C 9 13.26 18.54 2.78
N ALA C 10 13.62 19.82 2.69
CA ALA C 10 12.70 20.91 3.01
C ALA C 10 12.41 21.67 1.73
N PHE C 11 11.14 21.71 1.34
CA PHE C 11 10.72 22.39 0.12
C PHE C 11 10.75 23.90 0.35
N SER C 12 11.25 24.63 -0.64
CA SER C 12 11.25 26.10 -0.63
C SER C 12 9.83 26.64 -0.66
N SER C 13 9.65 27.89 -0.25
CA SER C 13 8.32 28.51 -0.27
C SER C 13 7.69 28.52 -1.67
N GLU C 14 8.54 28.70 -2.69
CA GLU C 14 8.12 28.66 -4.09
C GLU C 14 7.59 27.27 -4.51
N GLN C 15 8.24 26.22 -4.01
CA GLN C 15 7.79 24.86 -4.27
C GLN C 15 6.48 24.57 -3.54
N LEU C 16 6.42 24.94 -2.25
CA LEU C 16 5.22 24.75 -1.45
C LEU C 16 4.03 25.53 -1.99
N ALA C 17 4.27 26.78 -2.41
CA ALA C 17 3.23 27.59 -3.04
C ALA C 17 2.66 26.88 -4.28
N ARG C 18 3.53 26.36 -5.13
CA ARG C 18 3.10 25.67 -6.35
C ARG C 18 2.40 24.34 -6.05
N LEU C 19 3.00 23.53 -5.18
CA LEU C 19 2.37 22.30 -4.71
C LEU C 19 0.96 22.53 -4.15
N LYS C 20 0.80 23.55 -3.29
CA LYS C 20 -0.52 23.91 -2.74
C LYS C 20 -1.54 24.33 -3.80
N ARG C 21 -1.14 25.16 -4.75
CA ARG C 21 -2.03 25.55 -5.85
CA ARG C 21 -2.01 25.55 -5.87
C ARG C 21 -2.39 24.33 -6.71
N GLU C 22 -1.43 23.44 -6.94
CA GLU C 22 -1.72 22.24 -7.70
C GLU C 22 -2.69 21.34 -6.89
N PHE C 23 -2.43 21.20 -5.59
CA PHE C 23 -3.30 20.39 -4.70
C PHE C 23 -4.76 20.92 -4.66
N ASN C 24 -4.90 22.23 -4.63
CA ASN C 24 -6.22 22.88 -4.66
CA ASN C 24 -6.20 22.91 -4.67
C ASN C 24 -6.99 22.53 -5.93
N GLU C 25 -6.29 22.50 -7.07
CA GLU C 25 -6.91 22.15 -8.35
C GLU C 25 -7.25 20.66 -8.49
N ASN C 26 -6.31 19.79 -8.11
CA ASN C 26 -6.53 18.34 -8.10
CA ASN C 26 -6.47 18.32 -8.16
C ASN C 26 -5.75 17.69 -6.97
N ARG C 27 -6.48 17.10 -6.01
CA ARG C 27 -5.83 16.54 -4.84
C ARG C 27 -5.14 15.20 -5.10
N TYR C 28 -5.36 14.64 -6.31
CA TYR C 28 -4.71 13.40 -6.75
C TYR C 28 -3.97 13.66 -8.04
N LEU C 29 -2.69 13.31 -8.00
CA LEU C 29 -1.77 13.35 -9.14
C LEU C 29 -1.99 12.25 -10.14
N THR C 30 -1.92 12.58 -11.43
CA THR C 30 -1.77 11.56 -12.43
C THR C 30 -0.27 11.36 -12.56
N GLU C 31 0.14 10.26 -13.20
CA GLU C 31 1.55 10.00 -13.49
C GLU C 31 2.18 11.17 -14.26
N ARG C 32 1.50 11.56 -15.35
CA ARG C 32 1.88 12.71 -16.17
C ARG C 32 2.15 13.98 -15.35
N ARG C 33 1.15 14.43 -14.59
CA ARG C 33 1.22 15.64 -13.77
C ARG C 33 2.30 15.53 -12.70
N ARG C 34 2.39 14.35 -12.08
CA ARG C 34 3.48 14.08 -11.13
C ARG C 34 4.86 14.30 -11.78
N GLN C 35 5.05 13.76 -12.99
CA GLN C 35 6.32 13.88 -13.72
C GLN C 35 6.58 15.36 -14.03
N GLN C 36 5.57 16.03 -14.55
CA GLN C 36 5.68 17.42 -14.99
C GLN C 36 5.91 18.38 -13.83
N LEU C 37 5.14 18.26 -12.76
CA LEU C 37 5.37 18.96 -11.49
C LEU C 37 6.77 18.79 -10.91
N SER C 38 7.24 17.56 -10.87
CA SER C 38 8.57 17.26 -10.37
CA SER C 38 8.58 17.21 -10.41
C SER C 38 9.66 17.93 -11.22
N SER C 39 9.54 17.85 -12.54
CA SER C 39 10.47 18.47 -13.48
C SER C 39 10.53 19.99 -13.29
N GLU C 40 9.36 20.63 -13.30
CA GLU C 40 9.23 22.05 -13.07
C GLU C 40 9.73 22.54 -11.70
N LEU C 41 9.54 21.74 -10.66
CA LEU C 41 9.95 22.20 -9.32
C LEU C 41 11.39 21.85 -8.93
N GLY C 42 12.04 21.02 -9.74
CA GLY C 42 13.35 20.49 -9.38
C GLY C 42 13.27 19.50 -8.23
N LEU C 43 12.25 18.66 -8.24
CA LEU C 43 12.07 17.64 -7.21
C LEU C 43 12.01 16.25 -7.83
N ASN C 44 12.28 15.23 -7.03
CA ASN C 44 12.04 13.88 -7.47
C ASN C 44 10.59 13.54 -7.36
N GLU C 45 10.12 12.68 -8.25
CA GLU C 45 8.71 12.28 -8.25
C GLU C 45 8.20 11.70 -6.93
N ALA C 46 9.05 10.92 -6.25
CA ALA C 46 8.69 10.40 -4.94
C ALA C 46 8.39 11.48 -3.89
N GLN C 47 9.10 12.61 -3.98
CA GLN C 47 8.90 13.71 -3.04
C GLN C 47 7.56 14.43 -3.27
N VAL C 48 7.25 14.66 -4.53
CA VAL C 48 5.96 15.24 -4.93
C VAL C 48 4.82 14.27 -4.60
N LYS C 49 4.98 12.99 -4.93
CA LYS C 49 3.96 11.99 -4.59
C LYS C 49 3.74 11.94 -3.06
N GLY C 50 4.83 11.91 -2.30
CA GLY C 50 4.76 11.91 -0.84
C GLY C 50 4.12 13.14 -0.21
N TRP C 51 4.39 14.31 -0.77
CA TRP C 51 3.76 15.54 -0.33
C TRP C 51 2.22 15.48 -0.46
N PHE C 52 1.74 15.06 -1.62
CA PHE C 52 0.31 14.91 -1.89
C PHE C 52 -0.32 13.89 -0.90
N LYS C 53 0.37 12.77 -0.66
CA LYS C 53 -0.10 11.73 0.27
C LYS C 53 -0.23 12.30 1.67
N ASN C 54 0.81 12.99 2.13
CA ASN C 54 0.84 13.58 3.47
C ASN C 54 -0.15 14.72 3.61
N MET C 55 -0.35 15.51 2.55
CA MET C 55 -1.35 16.59 2.57
C MET C 55 -2.79 16.07 2.76
N ARG C 56 -3.17 15.03 2.02
CA ARG C 56 -4.49 14.44 2.18
C ARG C 56 -4.66 13.82 3.59
N ALA C 57 -3.61 13.19 4.12
CA ALA C 57 -3.66 12.63 5.48
C ALA C 57 -3.86 13.73 6.52
N LYS C 58 -3.07 14.81 6.41
CA LYS C 58 -3.08 15.92 7.36
C LYS C 58 -4.46 16.55 7.48
N ILE C 59 -5.10 16.73 6.34
CA ILE C 59 -6.44 17.28 6.25
C ILE C 59 -7.48 16.34 6.90
N LYS C 60 -7.46 15.06 6.52
CA LYS C 60 -8.37 14.09 7.16
C LYS C 60 -8.21 14.05 8.67
N LYS C 61 -6.98 14.23 9.14
CA LYS C 61 -6.63 14.17 10.57
C LYS C 61 -7.15 15.38 11.33
N SER C 62 -7.49 16.45 10.59
CA SER C 62 -8.23 17.58 11.15
C SER C 62 -9.74 17.29 11.19
N THR C 63 -10.26 16.71 10.11
CA THR C 63 -11.69 16.41 9.96
C THR C 63 -11.95 15.92 8.53
N LYS D 5 13.74 -11.06 -5.32
CA LYS D 5 12.35 -11.58 -5.34
C LYS D 5 12.21 -12.87 -4.55
N ARG D 6 11.11 -12.96 -3.83
CA ARG D 6 10.79 -14.12 -3.00
C ARG D 6 10.48 -15.34 -3.88
N PRO D 7 11.09 -16.50 -3.56
CA PRO D 7 10.74 -17.75 -4.26
C PRO D 7 9.27 -18.15 -4.11
N ARG D 8 8.71 -18.73 -5.16
CA ARG D 8 7.38 -19.32 -5.05
C ARG D 8 7.57 -20.69 -4.40
N THR D 9 6.67 -21.04 -3.51
CA THR D 9 6.73 -22.34 -2.87
C THR D 9 5.49 -23.13 -3.27
N ALA D 10 5.43 -24.39 -2.91
CA ALA D 10 4.19 -25.14 -3.03
C ALA D 10 3.78 -25.53 -1.61
N PHE D 11 2.50 -25.41 -1.31
CA PHE D 11 1.97 -25.80 -0.01
C PHE D 11 1.60 -27.28 -0.01
N SER D 12 1.86 -27.94 1.10
CA SER D 12 1.50 -29.35 1.24
C SER D 12 -0.01 -29.42 1.42
N SER D 13 -0.57 -30.62 1.32
CA SER D 13 -2.01 -30.75 1.55
C SER D 13 -2.36 -30.41 3.00
N GLU D 14 -1.50 -30.74 3.96
CA GLU D 14 -1.76 -30.38 5.36
C GLU D 14 -1.75 -28.85 5.59
N GLN D 15 -0.81 -28.17 4.93
CA GLN D 15 -0.74 -26.73 5.01
C GLN D 15 -2.00 -26.09 4.42
N LEU D 16 -2.40 -26.55 3.23
CA LEU D 16 -3.62 -26.05 2.57
C LEU D 16 -4.88 -26.34 3.35
N ALA D 17 -4.97 -27.50 4.01
CA ALA D 17 -6.16 -27.79 4.81
C ALA D 17 -6.26 -26.84 6.02
N ARG D 18 -5.13 -26.58 6.67
CA ARG D 18 -5.08 -25.65 7.80
C ARG D 18 -5.34 -24.20 7.38
N LEU D 19 -4.71 -23.76 6.30
CA LEU D 19 -4.99 -22.44 5.75
C LEU D 19 -6.46 -22.23 5.49
N LYS D 20 -7.08 -23.16 4.75
CA LYS D 20 -8.50 -23.08 4.39
C LYS D 20 -9.46 -23.08 5.58
N ARG D 21 -9.15 -23.89 6.58
CA ARG D 21 -9.91 -23.94 7.83
C ARG D 21 -9.90 -22.56 8.49
N GLU D 22 -8.76 -21.91 8.40
CA GLU D 22 -8.54 -20.60 8.96
C GLU D 22 -9.31 -19.53 8.17
N PHE D 23 -9.17 -19.55 6.85
CA PHE D 23 -9.87 -18.64 5.93
C PHE D 23 -11.39 -18.74 6.06
N ASN D 24 -11.87 -19.91 6.45
CA ASN D 24 -13.30 -20.16 6.68
CA ASN D 24 -13.31 -20.10 6.64
C ASN D 24 -13.86 -19.42 7.89
N GLU D 25 -13.00 -19.16 8.86
CA GLU D 25 -13.39 -18.39 10.05
C GLU D 25 -13.26 -16.88 9.82
N ASN D 26 -12.17 -16.48 9.18
CA ASN D 26 -11.86 -15.06 8.99
C ASN D 26 -10.98 -14.95 7.76
N ARG D 27 -11.42 -14.20 6.75
CA ARG D 27 -10.62 -13.97 5.55
C ARG D 27 -9.46 -12.98 5.70
N TYR D 28 -9.34 -12.34 6.86
CA TYR D 28 -8.27 -11.39 7.16
C TYR D 28 -7.45 -11.84 8.37
N LEU D 29 -6.15 -11.58 8.29
CA LEU D 29 -5.18 -11.98 9.27
C LEU D 29 -4.76 -10.79 10.09
N THR D 30 -4.81 -10.94 11.40
CA THR D 30 -4.11 -10.03 12.28
C THR D 30 -2.65 -10.50 12.35
N GLU D 31 -1.77 -9.64 12.86
CA GLU D 31 -0.37 -9.98 13.05
C GLU D 31 -0.13 -11.25 13.91
N ARG D 32 -0.74 -11.32 15.09
CA ARG D 32 -0.51 -12.45 15.99
C ARG D 32 -0.92 -13.76 15.34
N ARG D 33 -2.06 -13.73 14.65
CA ARG D 33 -2.64 -14.90 14.01
C ARG D 33 -1.76 -15.37 12.84
N ARG D 34 -1.31 -14.42 12.03
CA ARG D 34 -0.30 -14.71 11.02
C ARG D 34 0.98 -15.37 11.61
N GLN D 35 1.53 -14.85 12.72
CA GLN D 35 2.75 -15.40 13.31
C GLN D 35 2.51 -16.83 13.76
N GLN D 36 1.44 -17.02 14.53
CA GLN D 36 1.04 -18.33 15.05
C GLN D 36 0.86 -19.35 13.95
N LEU D 37 0.18 -18.93 12.91
CA LEU D 37 -0.17 -19.83 11.84
C LEU D 37 1.06 -20.17 10.98
N SER D 38 1.93 -19.18 10.78
CA SER D 38 3.16 -19.40 10.03
C SER D 38 4.09 -20.33 10.82
N SER D 39 4.17 -20.12 12.13
CA SER D 39 5.01 -20.94 13.00
C SER D 39 4.52 -22.38 13.06
N GLU D 40 3.21 -22.56 13.09
CA GLU D 40 2.57 -23.87 13.19
C GLU D 40 2.68 -24.67 11.91
N LEU D 41 2.58 -23.99 10.77
CA LEU D 41 2.70 -24.63 9.47
C LEU D 41 4.12 -24.71 8.88
N GLY D 42 5.11 -24.08 9.52
CA GLY D 42 6.46 -24.00 8.96
C GLY D 42 6.53 -23.22 7.67
N LEU D 43 5.80 -22.11 7.61
CA LEU D 43 5.73 -21.28 6.44
C LEU D 43 6.23 -19.87 6.75
N ASN D 44 6.91 -19.25 5.79
CA ASN D 44 7.25 -17.84 5.88
C ASN D 44 5.95 -17.04 6.02
N GLU D 45 5.95 -16.03 6.87
CA GLU D 45 4.78 -15.18 7.07
C GLU D 45 4.32 -14.51 5.80
N ALA D 46 5.27 -14.18 4.93
CA ALA D 46 4.98 -13.58 3.64
C ALA D 46 4.21 -14.51 2.69
N GLN D 47 4.49 -15.80 2.79
CA GLN D 47 3.74 -16.85 2.07
C GLN D 47 2.27 -16.98 2.54
N VAL D 48 2.09 -16.94 3.85
CA VAL D 48 0.78 -16.98 4.51
C VAL D 48 -0.03 -15.73 4.20
N LYS D 49 0.61 -14.57 4.37
CA LYS D 49 -0.02 -13.27 4.05
C LYS D 49 -0.47 -13.33 2.60
N GLY D 50 0.42 -13.84 1.77
CA GLY D 50 0.19 -13.91 0.33
C GLY D 50 -0.94 -14.82 -0.10
N TRP D 51 -1.02 -15.99 0.53
CA TRP D 51 -2.09 -16.94 0.27
C TRP D 51 -3.45 -16.35 0.60
N PHE D 52 -3.57 -15.70 1.76
CA PHE D 52 -4.84 -15.03 2.16
C PHE D 52 -5.21 -13.92 1.16
N LYS D 53 -4.21 -13.16 0.71
CA LYS D 53 -4.42 -12.08 -0.26
C LYS D 53 -4.97 -12.66 -1.53
N ASN D 54 -4.30 -13.69 -2.04
CA ASN D 54 -4.73 -14.28 -3.31
C ASN D 54 -6.07 -14.99 -3.22
N MET D 55 -6.30 -15.67 -2.09
CA MET D 55 -7.57 -16.35 -1.84
C MET D 55 -8.78 -15.39 -1.76
N ARG D 56 -8.63 -14.25 -1.08
CA ARG D 56 -9.69 -13.22 -1.14
C ARG D 56 -10.00 -12.80 -2.54
N ALA D 57 -8.96 -12.63 -3.37
CA ALA D 57 -9.16 -12.15 -4.75
C ALA D 57 -9.78 -13.21 -5.67
N LYS D 58 -9.41 -14.47 -5.45
CA LYS D 58 -10.01 -15.61 -6.14
C LYS D 58 -11.49 -15.78 -5.80
N ILE D 59 -11.82 -15.65 -4.51
CA ILE D 59 -13.19 -15.82 -4.03
C ILE D 59 -14.08 -14.63 -4.36
N LYS D 60 -13.48 -13.45 -4.43
CA LYS D 60 -14.20 -12.27 -4.91
C LYS D 60 -14.49 -12.40 -6.41
N LYS D 61 -13.55 -12.99 -7.15
CA LYS D 61 -13.73 -13.24 -8.58
C LYS D 61 -14.69 -14.41 -8.87
N SER D 62 -14.78 -15.36 -7.95
CA SER D 62 -15.66 -16.53 -8.08
C SER D 62 -17.09 -16.17 -7.67
#